data_5D16
#
_entry.id   5D16
#
_cell.length_a   47.030
_cell.length_b   71.250
_cell.length_c   50.430
_cell.angle_alpha   90.00
_cell.angle_beta   97.28
_cell.angle_gamma   90.00
#
_symmetry.space_group_name_H-M   'P 1 21 1'
#
loop_
_entity.id
_entity.type
_entity.pdbx_description
1 polymer 'Transposon Tn7 transposition protein TnsE'
2 non-polymer GLYCEROL
3 water water
#
_entity_poly.entity_id   1
_entity_poly.type   'polypeptide(L)'
_entity_poly.pdbx_seq_one_letter_code
;MLEKEEATTSENSNLVSTDEPHLGGVLAAADVGGKQDATNYNSIFANRFAAFDELLSILKTKFACRVLFEETLVLPKVGR
SRLHLCKDGSPRVIKAVGVQRNGSEFVLLEVDVSDGVKMLSTKVLSGVDSETWRNDFEKIRRGVVKSSLNWPNSLFDQLY
GQDGHRGVNHPKGLGELQVSRENMEGWAERVVREQFTHLEHHHHHH
;
_entity_poly.pdbx_strand_id   A,B
#
loop_
_chem_comp.id
_chem_comp.type
_chem_comp.name
_chem_comp.formula
GOL non-polymer GLYCEROL 'C3 H8 O3'
#
# COMPACT_ATOMS: atom_id res chain seq x y z
N ASP A 37 15.00 16.24 -4.46
CA ASP A 37 14.61 15.95 -3.08
C ASP A 37 13.67 14.75 -3.04
N ALA A 38 14.08 13.70 -2.33
CA ALA A 38 13.28 12.48 -2.23
C ALA A 38 12.44 12.45 -0.96
N THR A 39 12.54 13.52 -0.19
CA THR A 39 11.81 13.64 1.07
C THR A 39 10.31 13.70 0.81
N ASN A 40 9.54 13.04 1.67
CA ASN A 40 8.08 13.10 1.61
C ASN A 40 7.57 14.36 2.30
N TYR A 41 6.99 15.27 1.52
CA TYR A 41 6.50 16.54 2.03
C TYR A 41 4.97 16.61 2.07
N ASN A 42 4.34 15.51 2.46
CA ASN A 42 2.89 15.42 2.53
C ASN A 42 2.18 16.58 3.22
N SER A 43 2.51 16.79 4.50
CA SER A 43 1.72 17.70 5.33
C SER A 43 1.89 19.15 4.93
N ILE A 44 3.08 19.50 4.47
CA ILE A 44 3.35 20.90 4.18
CA ILE A 44 3.45 20.86 4.13
C ILE A 44 2.82 21.34 2.82
N PHE A 45 2.51 20.39 1.93
CA PHE A 45 1.90 20.75 0.64
C PHE A 45 0.44 20.35 0.58
N ALA A 46 -0.11 19.93 1.72
CA ALA A 46 -1.50 19.45 1.77
C ALA A 46 -2.50 20.50 1.29
N ASN A 47 -2.20 21.78 1.52
CA ASN A 47 -3.11 22.84 1.10
C ASN A 47 -3.33 22.83 -0.42
N ARG A 48 -2.34 22.36 -1.17
CA ARG A 48 -2.44 22.30 -2.62
C ARG A 48 -3.29 21.13 -3.12
N PHE A 49 -3.53 20.16 -2.25
CA PHE A 49 -4.27 18.97 -2.64
C PHE A 49 -5.58 18.81 -1.87
N ALA A 50 -6.23 19.94 -1.56
CA ALA A 50 -7.46 19.93 -0.77
C ALA A 50 -8.55 19.05 -1.38
N ALA A 51 -8.84 19.27 -2.65
CA ALA A 51 -9.87 18.50 -3.36
C ALA A 51 -9.48 17.03 -3.47
N PHE A 52 -8.24 16.79 -3.87
CA PHE A 52 -7.75 15.42 -4.07
C PHE A 52 -7.79 14.63 -2.78
N ASP A 53 -7.46 15.29 -1.66
CA ASP A 53 -7.46 14.62 -0.37
C ASP A 53 -8.90 14.36 0.10
N GLU A 54 -9.83 15.20 -0.32
CA GLU A 54 -11.24 14.97 -0.02
C GLU A 54 -11.74 13.75 -0.78
N LEU A 55 -11.24 13.59 -2.01
CA LEU A 55 -11.50 12.40 -2.80
C LEU A 55 -10.99 11.14 -2.09
N LEU A 56 -9.79 11.23 -1.52
CA LEU A 56 -9.24 10.09 -0.81
C LEU A 56 -10.17 9.72 0.36
N SER A 57 -10.68 10.74 1.05
CA SER A 57 -11.57 10.51 2.18
C SER A 57 -12.83 9.79 1.75
N ILE A 58 -13.37 10.16 0.59
CA ILE A 58 -14.59 9.57 0.08
C ILE A 58 -14.38 8.12 -0.34
N LEU A 59 -13.24 7.85 -0.96
CA LEU A 59 -12.92 6.48 -1.37
C LEU A 59 -12.84 5.59 -0.14
N LYS A 60 -12.22 6.10 0.93
CA LYS A 60 -12.12 5.36 2.19
C LYS A 60 -13.48 5.07 2.82
N THR A 61 -14.36 6.07 2.86
CA THR A 61 -15.61 5.94 3.60
C THR A 61 -16.75 5.30 2.82
N LYS A 62 -16.80 5.53 1.51
CA LYS A 62 -17.94 5.07 0.73
C LYS A 62 -17.62 4.04 -0.36
N PHE A 63 -16.34 3.80 -0.60
CA PHE A 63 -15.95 2.90 -1.69
C PHE A 63 -14.96 1.85 -1.22
N ALA A 64 -14.94 1.61 0.09
CA ALA A 64 -14.19 0.51 0.69
C ALA A 64 -12.71 0.51 0.32
N CYS A 65 -12.12 1.71 0.17
CA CYS A 65 -10.70 1.80 -0.14
C CYS A 65 -9.84 1.91 1.12
N ARG A 66 -8.70 1.25 1.09
CA ARG A 66 -7.68 1.44 2.12
C ARG A 66 -6.47 2.13 1.50
N VAL A 67 -6.00 3.19 2.15
CA VAL A 67 -4.79 3.88 1.69
C VAL A 67 -3.55 3.17 2.23
N LEU A 68 -2.68 2.78 1.31
CA LEU A 68 -1.47 2.04 1.64
C LEU A 68 -0.31 2.99 1.93
N PHE A 69 -0.25 4.08 1.17
CA PHE A 69 0.76 5.10 1.37
C PHE A 69 0.35 6.40 0.72
N GLU A 70 0.87 7.51 1.23
CA GLU A 70 0.70 8.82 0.63
C GLU A 70 2.03 9.53 0.63
N GLU A 71 2.51 9.91 -0.54
CA GLU A 71 3.76 10.66 -0.60
C GLU A 71 3.67 11.83 -1.57
N THR A 72 4.17 12.97 -1.11
CA THR A 72 4.19 14.17 -1.93
C THR A 72 5.63 14.58 -2.14
N LEU A 73 6.05 14.54 -3.39
CA LEU A 73 7.45 14.73 -3.73
C LEU A 73 7.63 15.89 -4.69
N VAL A 74 8.77 16.57 -4.55
CA VAL A 74 9.14 17.67 -5.41
C VAL A 74 9.47 17.16 -6.81
N LEU A 75 9.05 17.90 -7.84
CA LEU A 75 9.42 17.58 -9.22
C LEU A 75 10.87 17.99 -9.48
N PRO A 76 11.60 17.19 -10.27
CA PRO A 76 13.03 17.45 -10.52
C PRO A 76 13.29 18.47 -11.64
N LYS A 77 14.39 19.20 -11.51
CA LYS A 77 14.82 20.13 -12.55
C LYS A 77 15.35 19.36 -13.77
N VAL A 78 14.85 19.69 -14.96
CA VAL A 78 15.34 19.09 -16.19
C VAL A 78 15.69 20.17 -17.23
N GLY A 79 16.97 20.46 -17.40
CA GLY A 79 17.36 21.52 -18.30
C GLY A 79 17.13 22.90 -17.69
N ARG A 80 16.90 23.90 -18.54
CA ARG A 80 16.79 25.29 -18.05
C ARG A 80 15.38 25.86 -18.06
N SER A 81 14.43 25.08 -18.55
CA SER A 81 13.01 25.41 -18.41
C SER A 81 12.61 25.30 -16.92
N ARG A 82 11.49 25.89 -16.54
CA ARG A 82 11.16 26.02 -15.12
C ARG A 82 9.78 25.45 -14.75
N LEU A 83 9.34 24.40 -15.43
CA LEU A 83 8.04 23.80 -15.11
C LEU A 83 8.05 23.00 -13.79
N HIS A 84 9.25 22.72 -13.29
CA HIS A 84 9.36 22.03 -12.00
C HIS A 84 9.08 22.99 -10.84
N LEU A 85 8.99 24.28 -11.18
CA LEU A 85 8.64 25.31 -10.21
C LEU A 85 7.23 25.83 -10.48
N CYS A 86 6.58 26.35 -9.45
CA CYS A 86 5.33 27.07 -9.60
C CYS A 86 5.60 28.50 -10.00
N LYS A 87 4.55 29.22 -10.37
CA LYS A 87 4.66 30.62 -10.76
C LYS A 87 5.34 31.47 -9.68
N ASP A 88 5.11 31.11 -8.41
CA ASP A 88 5.63 31.91 -7.29
C ASP A 88 7.07 31.57 -6.92
N GLY A 89 7.68 30.64 -7.65
CA GLY A 89 9.06 30.28 -7.41
C GLY A 89 9.25 29.08 -6.49
N SER A 90 8.17 28.64 -5.87
CA SER A 90 8.21 27.46 -5.01
C SER A 90 8.28 26.18 -5.83
N PRO A 91 8.71 25.06 -5.22
CA PRO A 91 8.75 23.81 -5.98
C PRO A 91 7.34 23.35 -6.34
N ARG A 92 7.18 22.85 -7.56
CA ARG A 92 5.94 22.19 -7.95
C ARG A 92 6.06 20.72 -7.58
N VAL A 93 4.99 20.15 -7.04
CA VAL A 93 5.06 18.79 -6.51
C VAL A 93 4.09 17.82 -7.18
N ILE A 94 4.22 16.55 -6.81
CA ILE A 94 3.36 15.50 -7.34
C ILE A 94 3.05 14.54 -6.20
N LYS A 95 1.77 14.17 -6.07
CA LYS A 95 1.37 13.28 -4.99
C LYS A 95 1.07 11.90 -5.52
N ALA A 96 1.58 10.89 -4.83
CA ALA A 96 1.32 9.50 -5.17
C ALA A 96 0.58 8.82 -4.02
N VAL A 97 -0.45 8.05 -4.34
CA VAL A 97 -1.22 7.38 -3.30
C VAL A 97 -1.48 5.92 -3.67
N GLY A 98 -1.02 5.01 -2.82
CA GLY A 98 -1.30 3.59 -3.03
C GLY A 98 -2.63 3.23 -2.40
N VAL A 99 -3.46 2.51 -3.13
CA VAL A 99 -4.82 2.22 -2.65
C VAL A 99 -5.14 0.75 -2.85
N GLN A 100 -5.80 0.16 -1.85
CA GLN A 100 -6.30 -1.19 -1.97
C GLN A 100 -7.83 -1.17 -1.90
N ARG A 101 -8.47 -1.91 -2.81
CA ARG A 101 -9.91 -2.02 -2.84
C ARG A 101 -10.32 -3.33 -3.51
N ASN A 102 -11.19 -4.09 -2.84
CA ASN A 102 -11.70 -5.35 -3.39
C ASN A 102 -10.59 -6.33 -3.80
N GLY A 103 -9.53 -6.39 -3.01
CA GLY A 103 -8.45 -7.33 -3.26
C GLY A 103 -7.49 -6.91 -4.35
N SER A 104 -7.69 -5.71 -4.89
CA SER A 104 -6.78 -5.20 -5.92
C SER A 104 -6.12 -3.89 -5.50
N GLU A 105 -4.94 -3.61 -6.06
CA GLU A 105 -4.23 -2.37 -5.75
C GLU A 105 -4.16 -1.44 -6.95
N PHE A 106 -4.18 -0.14 -6.70
CA PHE A 106 -3.86 0.83 -7.73
C PHE A 106 -3.17 2.04 -7.11
N VAL A 107 -2.44 2.78 -7.95
CA VAL A 107 -1.76 3.99 -7.49
C VAL A 107 -2.29 5.21 -8.21
N LEU A 108 -2.67 6.21 -7.43
CA LEU A 108 -3.13 7.49 -7.97
C LEU A 108 -1.95 8.46 -8.05
N LEU A 109 -1.83 9.18 -9.16
CA LEU A 109 -0.84 10.25 -9.28
C LEU A 109 -1.55 11.56 -9.59
N GLU A 110 -1.15 12.60 -8.85
CA GLU A 110 -1.77 13.91 -8.99
C GLU A 110 -0.71 15.00 -9.02
N VAL A 111 -0.72 15.80 -10.10
CA VAL A 111 0.26 16.85 -10.27
C VAL A 111 -0.27 18.20 -9.80
N ASP A 112 0.55 18.89 -9.00
CA ASP A 112 0.24 20.17 -8.41
C ASP A 112 0.18 21.24 -9.50
N VAL A 113 -0.99 21.86 -9.64
CA VAL A 113 -1.20 22.95 -10.60
C VAL A 113 -1.79 24.16 -9.89
N SER A 114 -1.36 24.35 -8.65
CA SER A 114 -1.88 25.41 -7.78
C SER A 114 -1.64 26.81 -8.33
N ASP A 115 -0.74 26.96 -9.29
CA ASP A 115 -0.46 28.29 -9.85
C ASP A 115 -1.30 28.58 -11.08
N GLY A 116 -2.21 27.65 -11.40
CA GLY A 116 -3.19 27.90 -12.44
C GLY A 116 -2.83 27.42 -13.82
N VAL A 117 -1.72 26.68 -13.94
CA VAL A 117 -1.36 26.08 -15.22
C VAL A 117 -2.37 24.99 -15.56
N LYS A 118 -2.42 24.59 -16.82
CA LYS A 118 -3.42 23.63 -17.29
C LYS A 118 -3.43 22.36 -16.44
N MET A 119 -4.60 22.00 -15.95
CA MET A 119 -4.75 20.86 -15.07
C MET A 119 -4.54 19.56 -15.83
N LEU A 120 -3.82 18.64 -15.21
CA LEU A 120 -3.65 17.29 -15.77
C LEU A 120 -4.74 16.39 -15.24
N SER A 121 -5.01 15.29 -15.93
CA SER A 121 -5.86 14.25 -15.40
C SER A 121 -5.22 13.62 -14.16
N THR A 122 -6.01 12.89 -13.39
CA THR A 122 -5.46 12.07 -12.32
C THR A 122 -5.13 10.70 -12.89
N LYS A 123 -3.87 10.27 -12.76
CA LYS A 123 -3.50 8.96 -13.29
C LYS A 123 -3.89 7.84 -12.34
N VAL A 124 -4.43 6.76 -12.89
CA VAL A 124 -4.71 5.56 -12.14
C VAL A 124 -3.83 4.44 -12.69
N LEU A 125 -2.87 3.99 -11.88
CA LEU A 125 -1.92 2.98 -12.30
C LEU A 125 -2.29 1.64 -11.71
N SER A 126 -2.24 0.58 -12.51
CA SER A 126 -2.57 -0.74 -12.01
C SER A 126 -1.45 -1.73 -12.34
N GLY A 127 -1.34 -2.78 -11.53
CA GLY A 127 -0.29 -3.75 -11.68
C GLY A 127 1.08 -3.15 -11.36
N VAL A 128 1.09 -2.15 -10.48
CA VAL A 128 2.34 -1.50 -10.09
C VAL A 128 3.17 -2.40 -9.18
N ASP A 129 4.41 -2.62 -9.56
CA ASP A 129 5.36 -3.38 -8.76
C ASP A 129 5.92 -2.46 -7.68
N SER A 130 5.53 -2.68 -6.43
CA SER A 130 5.97 -1.80 -5.35
C SER A 130 7.46 -1.95 -5.05
N GLU A 131 8.06 -3.06 -5.50
CA GLU A 131 9.48 -3.29 -5.23
C GLU A 131 10.37 -2.41 -6.11
N THR A 132 9.80 -1.89 -7.19
CA THR A 132 10.55 -1.00 -8.07
C THR A 132 9.91 0.38 -8.17
N TRP A 133 8.90 0.62 -7.33
CA TRP A 133 8.15 1.87 -7.40
C TRP A 133 9.02 3.11 -7.15
N ARG A 134 9.94 3.01 -6.19
CA ARG A 134 10.79 4.16 -5.86
C ARG A 134 11.52 4.68 -7.09
N ASN A 135 12.18 3.76 -7.81
CA ASN A 135 12.92 4.13 -9.01
C ASN A 135 12.00 4.50 -10.18
N ASP A 136 10.92 3.75 -10.35
CA ASP A 136 9.97 4.03 -11.44
C ASP A 136 9.31 5.40 -11.27
N PHE A 137 8.89 5.70 -10.04
CA PHE A 137 8.27 6.98 -9.72
C PHE A 137 9.24 8.12 -10.07
N GLU A 138 10.52 7.90 -9.86
CA GLU A 138 11.53 8.90 -10.18
C GLU A 138 11.58 9.15 -11.68
N LYS A 139 11.50 8.09 -12.48
CA LYS A 139 11.44 8.24 -13.94
C LYS A 139 10.20 9.02 -14.35
N ILE A 140 9.06 8.68 -13.74
CA ILE A 140 7.80 9.35 -14.01
C ILE A 140 7.86 10.85 -13.71
N ARG A 141 8.42 11.22 -12.57
CA ARG A 141 8.53 12.63 -12.20
C ARG A 141 9.34 13.41 -13.24
N ARG A 142 10.43 12.81 -13.70
CA ARG A 142 11.25 13.46 -14.71
C ARG A 142 10.51 13.55 -16.03
N GLY A 143 9.74 12.51 -16.35
CA GLY A 143 8.94 12.51 -17.56
C GLY A 143 7.87 13.59 -17.57
N VAL A 144 7.34 13.91 -16.40
CA VAL A 144 6.30 14.92 -16.29
C VAL A 144 6.86 16.30 -16.62
N VAL A 145 8.03 16.60 -16.06
CA VAL A 145 8.69 17.88 -16.29
C VAL A 145 9.16 17.98 -17.73
N LYS A 146 9.79 16.91 -18.21
CA LYS A 146 10.30 16.85 -19.56
C LYS A 146 9.19 16.99 -20.61
N SER A 147 7.98 16.55 -20.26
CA SER A 147 6.83 16.61 -21.17
C SER A 147 6.05 17.92 -21.04
N SER A 148 6.71 18.96 -20.53
CA SER A 148 6.07 20.27 -20.35
C SER A 148 4.80 20.17 -19.51
N LEU A 149 4.93 19.53 -18.35
CA LEU A 149 3.80 19.30 -17.43
C LEU A 149 2.66 18.54 -18.08
N ASN A 150 3.00 17.40 -18.68
CA ASN A 150 2.02 16.46 -19.18
C ASN A 150 2.46 15.06 -18.81
N TRP A 151 1.53 14.11 -18.76
CA TRP A 151 1.89 12.73 -18.44
C TRP A 151 2.78 12.10 -19.50
N PRO A 152 3.86 11.44 -19.08
CA PRO A 152 4.76 10.73 -19.99
C PRO A 152 4.17 9.37 -20.38
N ASN A 153 3.20 9.38 -21.28
CA ASN A 153 2.40 8.19 -21.58
C ASN A 153 3.18 7.06 -22.25
N SER A 154 4.22 7.41 -23.00
CA SER A 154 5.08 6.41 -23.61
C SER A 154 5.87 5.68 -22.51
N LEU A 155 6.24 6.42 -21.47
CA LEU A 155 6.91 5.84 -20.32
C LEU A 155 5.95 4.93 -19.56
N PHE A 156 4.74 5.43 -19.33
CA PHE A 156 3.71 4.66 -18.65
C PHE A 156 3.42 3.35 -19.39
N ASP A 157 3.36 3.42 -20.71
CA ASP A 157 3.17 2.22 -21.52
C ASP A 157 4.29 1.21 -21.28
N GLN A 158 5.52 1.71 -21.25
CA GLN A 158 6.69 0.85 -21.04
C GLN A 158 6.67 0.23 -19.65
N LEU A 159 6.31 1.04 -18.65
CA LEU A 159 6.29 0.60 -17.26
C LEU A 159 5.15 -0.36 -16.94
N TYR A 160 3.94 -0.03 -17.38
CA TYR A 160 2.76 -0.76 -16.91
C TYR A 160 1.89 -1.33 -18.02
N GLY A 161 2.30 -1.11 -19.26
CA GLY A 161 1.50 -1.54 -20.39
C GLY A 161 0.47 -0.48 -20.75
N GLN A 162 -0.07 -0.57 -21.96
CA GLN A 162 -1.06 0.40 -22.40
C GLN A 162 -2.32 0.33 -21.53
N ASP A 163 -2.61 -0.86 -21.02
CA ASP A 163 -3.79 -1.08 -20.19
C ASP A 163 -3.48 -0.98 -18.70
N GLY A 164 -2.25 -0.60 -18.38
CA GLY A 164 -1.81 -0.51 -16.99
C GLY A 164 -1.99 0.87 -16.38
N HIS A 165 -2.47 1.81 -17.19
CA HIS A 165 -2.69 3.17 -16.70
C HIS A 165 -3.79 3.88 -17.46
N ARG A 166 -4.47 4.79 -16.78
CA ARG A 166 -5.51 5.59 -17.40
C ARG A 166 -5.68 6.92 -16.70
N GLY A 167 -6.31 7.86 -17.39
CA GLY A 167 -6.52 9.18 -16.84
C GLY A 167 -7.96 9.36 -16.40
N VAL A 168 -8.15 10.10 -15.31
CA VAL A 168 -9.47 10.45 -14.82
C VAL A 168 -9.61 11.96 -14.78
N ASN A 169 -10.62 12.49 -15.46
CA ASN A 169 -10.82 13.93 -15.51
C ASN A 169 -11.31 14.50 -14.19
N HIS A 170 -10.75 15.64 -13.80
CA HIS A 170 -11.20 16.33 -12.60
C HIS A 170 -12.62 16.84 -12.78
N PRO A 171 -13.36 17.01 -11.67
CA PRO A 171 -14.69 17.60 -11.75
C PRO A 171 -14.64 18.96 -12.41
N LYS A 172 -15.66 19.30 -13.20
CA LYS A 172 -15.70 20.56 -13.91
C LYS A 172 -15.59 21.74 -12.96
N GLY A 173 -14.85 22.76 -13.37
CA GLY A 173 -14.69 23.95 -12.57
C GLY A 173 -13.91 23.73 -11.29
N LEU A 174 -13.14 22.67 -11.23
CA LEU A 174 -12.28 22.45 -10.08
C LEU A 174 -11.17 23.49 -10.06
N GLY A 175 -11.09 24.25 -8.98
CA GLY A 175 -10.12 25.33 -8.87
C GLY A 175 -10.81 26.69 -8.86
N GLU A 176 -11.97 26.76 -9.49
CA GLU A 176 -12.78 27.97 -9.49
C GLU A 176 -14.24 27.59 -9.28
N LEU A 177 -14.75 27.91 -8.09
CA LEU A 177 -16.07 27.50 -7.57
C LEU A 177 -16.01 26.09 -6.98
N GLN A 178 -16.46 25.96 -5.74
CA GLN A 178 -16.41 24.71 -4.99
C GLN A 178 -17.22 23.60 -5.66
N VAL A 179 -16.82 22.36 -5.42
CA VAL A 179 -17.50 21.22 -6.03
C VAL A 179 -18.42 20.54 -5.03
N SER A 180 -19.63 20.23 -5.48
CA SER A 180 -20.66 19.65 -4.63
C SER A 180 -20.29 18.26 -4.11
N ARG A 181 -20.91 17.87 -3.00
CA ARG A 181 -20.72 16.52 -2.45
C ARG A 181 -21.13 15.47 -3.47
N GLU A 182 -22.12 15.80 -4.30
CA GLU A 182 -22.57 14.88 -5.33
C GLU A 182 -21.48 14.64 -6.37
N ASN A 183 -20.90 15.74 -6.88
CA ASN A 183 -19.86 15.62 -7.89
C ASN A 183 -18.55 15.07 -7.34
N MET A 184 -18.33 15.24 -6.04
CA MET A 184 -17.16 14.66 -5.40
C MET A 184 -17.27 13.14 -5.39
N GLU A 185 -18.47 12.64 -5.10
CA GLU A 185 -18.70 11.20 -5.10
C GLU A 185 -18.63 10.66 -6.52
N GLY A 186 -19.08 11.45 -7.48
CA GLY A 186 -19.00 11.08 -8.89
C GLY A 186 -17.56 10.92 -9.31
N TRP A 187 -16.74 11.88 -8.93
CA TRP A 187 -15.31 11.80 -9.17
C TRP A 187 -14.75 10.48 -8.64
N ALA A 188 -15.14 10.11 -7.43
CA ALA A 188 -14.70 8.86 -6.82
C ALA A 188 -15.14 7.65 -7.62
N GLU A 189 -16.38 7.67 -8.11
CA GLU A 189 -16.89 6.58 -8.94
C GLU A 189 -16.04 6.43 -10.21
N ARG A 190 -15.65 7.54 -10.80
CA ARG A 190 -14.88 7.51 -12.04
C ARG A 190 -13.48 6.95 -11.82
N VAL A 191 -12.97 7.11 -10.61
CA VAL A 191 -11.65 6.60 -10.28
C VAL A 191 -11.67 5.08 -10.17
N VAL A 192 -12.68 4.54 -9.49
CA VAL A 192 -12.69 3.11 -9.17
C VAL A 192 -13.42 2.23 -10.19
N ARG A 193 -14.05 2.86 -11.17
CA ARG A 193 -14.81 2.11 -12.17
C ARG A 193 -13.92 1.19 -13.01
N GLU A 194 -14.56 0.23 -13.68
CA GLU A 194 -13.85 -0.68 -14.56
C GLU A 194 -13.86 -0.16 -16.00
N GLN A 195 -12.72 -0.26 -16.67
CA GLN A 195 -12.58 0.22 -18.04
C GLN A 195 -12.99 -0.85 -19.05
N PHE A 196 -13.34 -0.43 -20.25
CA PHE A 196 -13.73 -1.36 -21.29
C PHE A 196 -12.55 -2.18 -21.80
N THR A 197 -11.40 -1.52 -21.97
CA THR A 197 -10.19 -2.22 -22.40
C THR A 197 -9.54 -2.96 -21.23
N ASP B 37 20.00 -13.47 8.53
CA ASP B 37 19.51 -14.18 9.70
C ASP B 37 18.16 -14.83 9.43
N ALA B 38 18.10 -16.15 9.59
CA ALA B 38 16.87 -16.90 9.38
C ALA B 38 16.51 -17.75 10.60
N THR B 39 16.94 -17.29 11.77
CA THR B 39 16.63 -17.96 13.02
C THR B 39 15.18 -17.74 13.43
N ASN B 40 14.51 -18.81 13.84
CA ASN B 40 13.14 -18.69 14.33
C ASN B 40 13.11 -18.05 15.71
N TYR B 41 12.75 -16.77 15.76
CA TYR B 41 12.70 -16.03 17.00
C TYR B 41 11.28 -15.91 17.54
N ASN B 42 10.49 -16.97 17.40
CA ASN B 42 9.09 -16.96 17.79
C ASN B 42 8.88 -16.60 19.26
N SER B 43 9.69 -17.19 20.13
CA SER B 43 9.50 -17.06 21.57
C SER B 43 9.77 -15.64 22.09
N ILE B 44 10.93 -15.10 21.77
CA ILE B 44 11.34 -13.81 22.32
CA ILE B 44 11.39 -13.81 22.26
C ILE B 44 10.45 -12.65 21.87
N PHE B 45 9.85 -12.78 20.70
CA PHE B 45 9.03 -11.69 20.15
C PHE B 45 7.54 -11.89 20.38
N ALA B 46 7.19 -12.83 21.25
CA ALA B 46 5.79 -13.14 21.53
C ALA B 46 5.01 -11.89 21.94
N ASN B 47 5.66 -11.01 22.70
CA ASN B 47 5.03 -9.78 23.16
C ASN B 47 4.59 -8.87 22.01
N ARG B 48 5.26 -8.98 20.87
CA ARG B 48 4.93 -8.13 19.72
C ARG B 48 3.70 -8.64 18.97
N PHE B 49 3.31 -9.88 19.25
CA PHE B 49 2.19 -10.50 18.54
C PHE B 49 1.12 -11.03 19.49
N ALA B 50 0.92 -10.32 20.60
CA ALA B 50 -0.04 -10.74 21.62
C ALA B 50 -1.45 -10.95 21.06
N ALA B 51 -1.94 -9.97 20.30
CA ALA B 51 -3.29 -10.04 19.75
C ALA B 51 -3.37 -11.10 18.65
N PHE B 52 -2.35 -11.16 17.82
CA PHE B 52 -2.31 -12.12 16.72
C PHE B 52 -2.22 -13.55 17.23
N ASP B 53 -1.52 -13.74 18.35
CA ASP B 53 -1.41 -15.06 18.95
C ASP B 53 -2.73 -15.49 19.60
N GLU B 54 -3.47 -14.53 20.12
CA GLU B 54 -4.81 -14.80 20.64
C GLU B 54 -5.73 -15.18 19.49
N LEU B 55 -5.54 -14.51 18.36
CA LEU B 55 -6.28 -14.83 17.14
C LEU B 55 -6.06 -16.30 16.79
N LEU B 56 -4.81 -16.73 16.86
CA LEU B 56 -4.45 -18.12 16.63
C LEU B 56 -5.19 -19.05 17.60
N SER B 57 -5.22 -18.67 18.88
CA SER B 57 -5.90 -19.48 19.89
C SER B 57 -7.40 -19.58 19.63
N ILE B 58 -8.02 -18.47 19.25
CA ILE B 58 -9.44 -18.45 18.91
C ILE B 58 -9.71 -19.35 17.70
N LEU B 59 -8.80 -19.34 16.74
CA LEU B 59 -8.92 -20.20 15.57
C LEU B 59 -8.81 -21.67 15.97
N LYS B 60 -8.00 -21.95 17.00
CA LYS B 60 -7.80 -23.30 17.49
C LYS B 60 -9.06 -23.87 18.16
N THR B 61 -9.73 -23.04 18.94
CA THR B 61 -10.84 -23.49 19.77
C THR B 61 -12.22 -23.27 19.16
N LYS B 62 -12.44 -22.10 18.59
CA LYS B 62 -13.77 -21.74 18.12
C LYS B 62 -13.92 -21.84 16.60
N PHE B 63 -12.87 -22.29 15.92
CA PHE B 63 -12.95 -22.43 14.45
C PHE B 63 -12.23 -23.68 13.95
N ALA B 64 -11.90 -24.59 14.87
CA ALA B 64 -11.35 -25.90 14.53
C ALA B 64 -10.11 -25.83 13.63
N CYS B 65 -9.22 -24.88 13.91
CA CYS B 65 -7.98 -24.76 13.17
C CYS B 65 -6.85 -25.49 13.89
N ARG B 66 -5.91 -26.03 13.13
CA ARG B 66 -4.71 -26.65 13.69
C ARG B 66 -3.47 -25.97 13.14
N VAL B 67 -2.59 -25.54 14.04
CA VAL B 67 -1.36 -24.87 13.62
C VAL B 67 -0.28 -25.87 13.20
N LEU B 68 0.16 -25.75 11.95
CA LEU B 68 1.21 -26.62 11.42
C LEU B 68 2.59 -26.13 11.83
N PHE B 69 2.81 -24.83 11.70
CA PHE B 69 4.08 -24.24 12.13
C PHE B 69 3.92 -22.76 12.49
N GLU B 70 4.82 -22.30 13.35
CA GLU B 70 4.92 -20.88 13.69
C GLU B 70 6.36 -20.41 13.58
N GLU B 71 6.62 -19.47 12.70
CA GLU B 71 7.98 -18.94 12.58
C GLU B 71 7.98 -17.41 12.56
N THR B 72 8.83 -16.81 13.40
CA THR B 72 9.00 -15.37 13.43
C THR B 72 10.43 -15.03 13.05
N LEU B 73 10.60 -14.38 11.91
CA LEU B 73 11.93 -14.06 11.39
C LEU B 73 12.13 -12.55 11.32
N VAL B 74 13.39 -12.11 11.45
CA VAL B 74 13.68 -10.69 11.30
C VAL B 74 13.60 -10.30 9.82
N LEU B 75 13.18 -9.07 9.56
CA LEU B 75 13.14 -8.58 8.18
C LEU B 75 14.54 -8.25 7.70
N PRO B 76 14.80 -8.49 6.40
CA PRO B 76 16.15 -8.29 5.86
C PRO B 76 16.48 -6.84 5.56
N LYS B 77 17.74 -6.46 5.71
CA LYS B 77 18.19 -5.16 5.24
C LYS B 77 18.33 -5.24 3.72
N VAL B 78 17.73 -4.27 3.03
CA VAL B 78 17.81 -4.24 1.57
C VAL B 78 18.28 -2.88 1.08
N GLY B 79 19.49 -2.84 0.53
CA GLY B 79 20.08 -1.58 0.08
C GLY B 79 20.17 -0.62 1.24
N ARG B 80 19.62 0.58 1.06
CA ARG B 80 19.65 1.60 2.09
C ARG B 80 18.33 1.64 2.88
N SER B 81 17.71 0.47 3.06
CA SER B 81 16.46 0.38 3.77
C SER B 81 16.63 0.80 5.24
N ARG B 82 15.55 1.31 5.82
CA ARG B 82 15.53 1.68 7.23
C ARG B 82 14.43 0.93 7.98
N LEU B 83 13.37 0.58 7.26
CA LEU B 83 12.17 0.01 7.88
C LEU B 83 12.28 -1.47 8.22
N HIS B 84 13.42 -2.08 7.94
CA HIS B 84 13.68 -3.43 8.45
C HIS B 84 13.97 -3.36 9.96
N LEU B 85 14.18 -2.15 10.46
CA LEU B 85 14.33 -1.93 11.89
C LEU B 85 13.11 -1.22 12.47
N CYS B 86 12.86 -1.41 13.75
CA CYS B 86 11.89 -0.60 14.48
C CYS B 86 12.49 0.75 14.82
N LYS B 87 11.68 1.65 15.35
CA LYS B 87 12.14 2.99 15.74
C LYS B 87 13.29 2.94 16.75
N ASP B 88 13.24 1.98 17.67
CA ASP B 88 14.25 1.89 18.73
C ASP B 88 15.53 1.21 18.26
N GLY B 89 15.60 0.89 16.98
CA GLY B 89 16.79 0.28 16.42
C GLY B 89 16.79 -1.22 16.51
N SER B 90 15.82 -1.78 17.23
CA SER B 90 15.65 -3.23 17.28
C SER B 90 15.10 -3.69 15.93
N PRO B 91 15.45 -4.92 15.51
CA PRO B 91 14.96 -5.41 14.24
C PRO B 91 13.44 -5.57 14.23
N ARG B 92 12.84 -5.26 13.09
CA ARG B 92 11.42 -5.51 12.88
C ARG B 92 11.25 -6.93 12.34
N VAL B 93 10.23 -7.63 12.82
CA VAL B 93 10.04 -9.01 12.44
C VAL B 93 8.75 -9.26 11.67
N ILE B 94 8.57 -10.50 11.24
CA ILE B 94 7.38 -10.93 10.52
C ILE B 94 7.09 -12.35 10.96
N LYS B 95 5.83 -12.66 11.19
CA LYS B 95 5.45 -13.98 11.66
C LYS B 95 4.69 -14.73 10.60
N ALA B 96 5.05 -16.00 10.40
CA ALA B 96 4.35 -16.87 9.48
C ALA B 96 3.72 -18.02 10.25
N VAL B 97 2.46 -18.31 9.97
CA VAL B 97 1.75 -19.38 10.66
C VAL B 97 1.07 -20.31 9.66
N GLY B 98 1.50 -21.56 9.64
CA GLY B 98 0.84 -22.57 8.84
C GLY B 98 -0.37 -23.09 9.58
N VAL B 99 -1.53 -23.04 8.93
CA VAL B 99 -2.78 -23.46 9.56
C VAL B 99 -3.53 -24.47 8.68
N GLN B 100 -4.15 -25.46 9.32
CA GLN B 100 -4.96 -26.44 8.61
C GLN B 100 -6.37 -26.47 9.16
N ARG B 101 -7.35 -26.38 8.25
CA ARG B 101 -8.77 -26.45 8.56
C ARG B 101 -9.62 -26.34 7.29
N ASN B 102 -10.32 -27.42 6.92
CA ASN B 102 -10.22 -28.70 7.59
C ASN B 102 -9.72 -29.74 6.60
N GLY B 103 -8.43 -30.07 6.69
CA GLY B 103 -7.78 -30.89 5.69
C GLY B 103 -7.07 -30.03 4.67
N SER B 104 -7.51 -28.77 4.57
CA SER B 104 -6.89 -27.81 3.65
C SER B 104 -6.00 -26.84 4.42
N GLU B 105 -4.93 -26.39 3.77
CA GLU B 105 -3.93 -25.57 4.43
C GLU B 105 -3.97 -24.12 3.98
N PHE B 106 -3.54 -23.22 4.85
CA PHE B 106 -3.30 -21.84 4.49
C PHE B 106 -2.28 -21.24 5.44
N VAL B 107 -1.62 -20.17 5.00
CA VAL B 107 -0.58 -19.52 5.79
C VAL B 107 -0.94 -18.08 6.12
N LEU B 108 -0.79 -17.71 7.38
CA LEU B 108 -1.00 -16.33 7.77
C LEU B 108 0.34 -15.59 7.85
N LEU B 109 0.39 -14.38 7.30
CA LEU B 109 1.56 -13.52 7.45
C LEU B 109 1.18 -12.25 8.21
N GLU B 110 1.98 -11.90 9.21
CA GLU B 110 1.71 -10.72 10.03
C GLU B 110 2.98 -9.92 10.26
N VAL B 111 2.98 -8.65 9.84
CA VAL B 111 4.16 -7.80 10.02
C VAL B 111 4.11 -7.02 11.33
N ASP B 112 5.22 -7.06 12.06
CA ASP B 112 5.34 -6.38 13.34
C ASP B 112 5.36 -4.85 13.20
N VAL B 113 4.36 -4.21 13.81
CA VAL B 113 4.28 -2.75 13.84
C VAL B 113 4.19 -2.29 15.29
N SER B 114 5.02 -2.88 16.14
CA SER B 114 5.03 -2.60 17.56
C SER B 114 5.46 -1.17 17.86
N ASP B 115 6.17 -0.55 16.92
CA ASP B 115 6.67 0.80 17.11
C ASP B 115 5.65 1.85 16.64
N GLY B 116 4.46 1.41 16.26
CA GLY B 116 3.38 2.33 15.94
C GLY B 116 3.26 2.73 14.48
N VAL B 117 4.08 2.13 13.62
CA VAL B 117 3.97 2.35 12.19
C VAL B 117 2.60 1.84 11.72
N LYS B 118 2.06 2.45 10.66
CA LYS B 118 0.77 2.07 10.11
C LYS B 118 0.65 0.57 9.89
N MET B 119 -0.40 -0.03 10.44
CA MET B 119 -0.62 -1.46 10.36
C MET B 119 -0.80 -1.94 8.92
N LEU B 120 -0.27 -3.13 8.64
CA LEU B 120 -0.56 -3.81 7.39
C LEU B 120 -1.72 -4.77 7.62
N SER B 121 -2.36 -5.20 6.54
CA SER B 121 -3.34 -6.25 6.63
C SER B 121 -2.67 -7.55 7.08
N THR B 122 -3.45 -8.47 7.62
CA THR B 122 -2.96 -9.84 7.81
C THR B 122 -3.21 -10.60 6.50
N LYS B 123 -2.15 -11.17 5.93
CA LYS B 123 -2.31 -11.93 4.69
C LYS B 123 -2.77 -13.35 4.94
N VAL B 124 -3.68 -13.81 4.08
CA VAL B 124 -4.10 -15.20 4.06
C VAL B 124 -3.68 -15.81 2.73
N LEU B 125 -2.72 -16.73 2.78
CA LEU B 125 -2.20 -17.37 1.58
C LEU B 125 -2.80 -18.76 1.42
N SER B 126 -3.36 -19.03 0.24
CA SER B 126 -3.86 -20.37 -0.05
C SER B 126 -3.10 -20.94 -1.25
N GLY B 127 -3.13 -22.26 -1.39
CA GLY B 127 -2.38 -22.94 -2.44
C GLY B 127 -0.88 -22.76 -2.33
N VAL B 128 -0.37 -22.64 -1.11
CA VAL B 128 1.06 -22.46 -0.87
C VAL B 128 1.86 -23.75 -1.08
N ASP B 129 2.94 -23.66 -1.84
CA ASP B 129 3.76 -24.83 -2.18
C ASP B 129 4.83 -25.04 -1.12
N SER B 130 4.73 -26.17 -0.40
CA SER B 130 5.60 -26.47 0.72
C SER B 130 7.07 -26.55 0.35
N GLU B 131 7.34 -27.03 -0.85
CA GLU B 131 8.70 -27.29 -1.26
C GLU B 131 9.47 -26.00 -1.52
N THR B 132 8.75 -24.96 -1.92
CA THR B 132 9.37 -23.70 -2.27
C THR B 132 9.11 -22.61 -1.23
N TRP B 133 8.43 -22.98 -0.15
CA TRP B 133 8.01 -21.98 0.84
C TRP B 133 9.17 -21.20 1.44
N ARG B 134 10.24 -21.89 1.82
CA ARG B 134 11.36 -21.19 2.45
C ARG B 134 11.85 -20.05 1.56
N ASN B 135 12.08 -20.35 0.28
CA ASN B 135 12.55 -19.32 -0.64
C ASN B 135 11.49 -18.28 -0.99
N ASP B 136 10.24 -18.72 -1.14
CA ASP B 136 9.16 -17.76 -1.40
C ASP B 136 9.00 -16.80 -0.21
N PHE B 137 9.14 -17.33 1.00
CA PHE B 137 9.03 -16.52 2.21
C PHE B 137 10.18 -15.49 2.24
N GLU B 138 11.37 -15.92 1.84
CA GLU B 138 12.50 -15.00 1.79
C GLU B 138 12.21 -13.87 0.79
N LYS B 139 11.67 -14.21 -0.38
CA LYS B 139 11.34 -13.20 -1.39
CA LYS B 139 11.36 -13.20 -1.38
C LYS B 139 10.29 -12.23 -0.87
N ILE B 140 9.31 -12.76 -0.13
CA ILE B 140 8.25 -11.93 0.44
C ILE B 140 8.82 -10.94 1.46
N ARG B 141 9.70 -11.41 2.34
CA ARG B 141 10.32 -10.55 3.35
C ARG B 141 11.12 -9.42 2.70
N ARG B 142 11.89 -9.76 1.67
CA ARG B 142 12.62 -8.79 0.87
C ARG B 142 11.66 -7.78 0.24
N GLY B 143 10.57 -8.28 -0.31
CA GLY B 143 9.57 -7.44 -0.95
C GLY B 143 8.88 -6.49 0.02
N VAL B 144 8.65 -6.96 1.25
CA VAL B 144 8.02 -6.10 2.25
C VAL B 144 8.93 -4.89 2.52
N VAL B 145 10.21 -5.16 2.68
CA VAL B 145 11.19 -4.11 2.96
C VAL B 145 11.38 -3.18 1.77
N LYS B 146 11.59 -3.76 0.59
CA LYS B 146 11.74 -2.98 -0.64
C LYS B 146 10.51 -2.10 -0.93
N SER B 147 9.34 -2.52 -0.45
CA SER B 147 8.12 -1.78 -0.69
C SER B 147 7.82 -0.80 0.46
N SER B 148 8.84 -0.50 1.25
CA SER B 148 8.73 0.44 2.38
C SER B 148 7.64 0.04 3.38
N LEU B 149 7.68 -1.23 3.79
CA LEU B 149 6.77 -1.78 4.80
C LEU B 149 5.35 -1.84 4.30
N ASN B 150 5.21 -2.33 3.07
CA ASN B 150 3.91 -2.68 2.51
C ASN B 150 4.03 -4.06 1.89
N TRP B 151 2.89 -4.74 1.71
CA TRP B 151 2.94 -6.04 1.09
C TRP B 151 3.33 -5.89 -0.37
N PRO B 152 4.21 -6.78 -0.86
CA PRO B 152 4.59 -6.77 -2.27
C PRO B 152 3.52 -7.45 -3.12
N ASN B 153 2.48 -6.70 -3.46
CA ASN B 153 1.31 -7.30 -4.10
C ASN B 153 1.59 -7.98 -5.43
N SER B 154 2.45 -7.39 -6.25
CA SER B 154 2.76 -7.98 -7.55
C SER B 154 3.47 -9.31 -7.34
N LEU B 155 4.33 -9.37 -6.33
CA LEU B 155 5.01 -10.61 -5.99
C LEU B 155 4.02 -11.69 -5.54
N PHE B 156 3.09 -11.33 -4.67
CA PHE B 156 2.06 -12.26 -4.23
C PHE B 156 1.26 -12.76 -5.42
N ASP B 157 0.92 -11.87 -6.35
CA ASP B 157 0.19 -12.25 -7.56
C ASP B 157 0.98 -13.28 -8.38
N GLN B 158 2.29 -13.06 -8.50
CA GLN B 158 3.14 -14.01 -9.21
C GLN B 158 3.13 -15.37 -8.52
N LEU B 159 3.34 -15.35 -7.20
CA LEU B 159 3.45 -16.59 -6.43
C LEU B 159 2.15 -17.40 -6.36
N TYR B 160 1.02 -16.74 -6.13
CA TYR B 160 -0.19 -17.49 -5.83
C TYR B 160 -1.38 -17.10 -6.70
N GLY B 161 -1.18 -16.12 -7.58
CA GLY B 161 -2.28 -15.60 -8.36
C GLY B 161 -3.18 -14.73 -7.51
N GLN B 162 -4.09 -13.99 -8.13
CA GLN B 162 -5.04 -13.17 -7.39
C GLN B 162 -5.86 -13.99 -6.39
N ASP B 163 -6.24 -15.20 -6.80
CA ASP B 163 -7.08 -16.07 -5.98
C ASP B 163 -6.32 -16.66 -4.79
N GLY B 164 -4.99 -16.68 -4.88
CA GLY B 164 -4.18 -17.39 -3.93
C GLY B 164 -3.85 -16.62 -2.66
N HIS B 165 -4.19 -15.32 -2.63
CA HIS B 165 -3.90 -14.49 -1.45
C HIS B 165 -4.93 -13.36 -1.26
N ARG B 166 -5.13 -13.00 -0.01
CA ARG B 166 -6.01 -11.88 0.33
C ARG B 166 -5.55 -11.25 1.64
N GLY B 167 -6.07 -10.06 1.91
CA GLY B 167 -5.76 -9.34 3.13
C GLY B 167 -6.96 -9.29 4.05
N VAL B 168 -6.69 -9.34 5.34
CA VAL B 168 -7.72 -9.16 6.36
C VAL B 168 -7.41 -7.91 7.17
N ASN B 169 -8.36 -6.99 7.24
CA ASN B 169 -8.18 -5.77 8.02
C ASN B 169 -8.22 -6.07 9.51
N HIS B 170 -7.34 -5.42 10.27
CA HIS B 170 -7.31 -5.58 11.71
C HIS B 170 -8.55 -4.93 12.35
N PRO B 171 -8.95 -5.44 13.53
CA PRO B 171 -10.01 -4.81 14.32
C PRO B 171 -9.74 -3.32 14.54
N LYS B 172 -10.79 -2.51 14.56
CA LYS B 172 -10.67 -1.07 14.68
C LYS B 172 -9.95 -0.67 15.96
N GLY B 173 -9.09 0.34 15.86
CA GLY B 173 -8.41 0.90 17.03
C GLY B 173 -7.38 -0.01 17.67
N LEU B 174 -7.01 -1.08 16.98
CA LEU B 174 -6.01 -2.01 17.51
C LEU B 174 -4.66 -1.32 17.62
N GLY B 175 -4.07 -1.39 18.82
CA GLY B 175 -2.82 -0.72 19.10
C GLY B 175 -3.04 0.54 19.90
N GLU B 176 -4.20 1.16 19.70
CA GLU B 176 -4.58 2.36 20.43
C GLU B 176 -5.65 2.05 21.46
N LEU B 177 -6.87 1.82 20.99
CA LEU B 177 -8.00 1.52 21.87
C LEU B 177 -7.96 0.06 22.31
N GLN B 178 -8.81 -0.28 23.28
CA GLN B 178 -8.96 -1.66 23.74
C GLN B 178 -10.03 -2.37 22.91
N VAL B 179 -9.68 -3.53 22.36
CA VAL B 179 -10.58 -4.27 21.49
C VAL B 179 -11.32 -5.37 22.26
N SER B 180 -12.57 -5.62 21.88
CA SER B 180 -13.43 -6.55 22.61
C SER B 180 -13.08 -8.01 22.35
N ARG B 181 -13.95 -8.90 22.83
CA ARG B 181 -13.83 -10.33 22.57
C ARG B 181 -14.72 -10.71 21.40
N GLU B 182 -15.82 -9.99 21.24
CA GLU B 182 -16.73 -10.21 20.12
C GLU B 182 -16.05 -9.85 18.81
N ASN B 183 -15.33 -8.74 18.82
CA ASN B 183 -14.61 -8.28 17.64
C ASN B 183 -13.39 -9.13 17.32
N MET B 184 -12.83 -9.76 18.34
CA MET B 184 -11.71 -10.66 18.15
C MET B 184 -12.21 -11.97 17.54
N GLU B 185 -13.41 -12.38 17.95
CA GLU B 185 -14.07 -13.51 17.35
C GLU B 185 -14.49 -13.15 15.93
N GLY B 186 -14.81 -11.88 15.72
CA GLY B 186 -15.15 -11.37 14.41
C GLY B 186 -13.93 -11.26 13.53
N TRP B 187 -12.78 -11.04 14.15
CA TRP B 187 -11.51 -11.01 13.42
C TRP B 187 -11.22 -12.40 12.86
N ALA B 188 -11.45 -13.41 13.68
CA ALA B 188 -11.19 -14.79 13.29
C ALA B 188 -12.12 -15.25 12.18
N GLU B 189 -13.37 -14.78 12.23
CA GLU B 189 -14.36 -15.13 11.22
C GLU B 189 -13.93 -14.61 9.85
N ARG B 190 -13.41 -13.38 9.83
CA ARG B 190 -12.98 -12.75 8.59
C ARG B 190 -11.75 -13.46 8.01
N VAL B 191 -10.90 -13.97 8.90
CA VAL B 191 -9.72 -14.72 8.46
C VAL B 191 -10.10 -16.02 7.74
N VAL B 192 -11.02 -16.77 8.32
CA VAL B 192 -11.41 -18.06 7.76
C VAL B 192 -12.39 -17.91 6.60
N ARG B 193 -13.38 -17.03 6.80
CA ARG B 193 -14.35 -16.68 5.76
C ARG B 193 -15.01 -17.92 5.15
C1 GOL C . -3.72 19.80 -7.70
O1 GOL C . -3.49 21.17 -7.89
C2 GOL C . -5.21 19.54 -7.43
O2 GOL C . -5.84 19.18 -8.63
C3 GOL C . -5.37 18.46 -6.37
O3 GOL C . -6.37 18.82 -5.41
#